data_7Y9I
#
_entry.id   7Y9I
#
_cell.length_a   72.460
_cell.length_b   111.500
_cell.length_c   52.330
_cell.angle_alpha   90.000
_cell.angle_beta   90.000
_cell.angle_gamma   90.000
#
_symmetry.space_group_name_H-M   'P 21 21 2'
#
loop_
_entity.id
_entity.type
_entity.pdbx_description
1 polymer 'Obg-like ATPase 1'
2 non-polymer "GUANOSINE-5',3'-TETRAPHOSPHATE"
3 non-polymer 'MAGNESIUM ION'
4 water water
#
_entity_poly.entity_id   1
_entity_poly.type   'polypeptide(L)'
_entity_poly.pdbx_seq_one_letter_code
;MPPKAKAKDAGPVERPILGRFSSHLKIGIVGLPNVGKSTLFNTLTKLSIPAENFPFCTIEPNEARVNIPDERFDWLCQTY
KPKSEIPAFLEIHDIAGLVRGAHEGQGLGNNFLSHIRAVDGIFHVLRAFEDADIIHVDDIVDPVRDLETITEELRLKDIE
FVGKKIDDVEKSMKRSNDKQLKIELELLQKVKAWLEDGKDVRFGDWKTADIEILNTFQLLSAKPVVYLINLNERDYQRKK
NKFLPKIHAWVQEHGGDTMIPFSGVFERSLADMAPDEAAKYCEENKLQSALPRIIKTGFSAINLIYFFTAGPDEVKCWQI
RRQSKAPQAAGAIHTDFERGFICAEVMKFEDLKELGNEPAVKAAGKYRQEGKTYVVQDGDIIFFKFNVSGGGKK
;
_entity_poly.pdbx_strand_id   A
#
# COMPACT_ATOMS: atom_id res chain seq x y z
N ARG A 15 10.84 -17.22 -3.45
CA ARG A 15 9.54 -16.95 -4.15
C ARG A 15 8.47 -16.52 -3.14
N PRO A 16 8.15 -17.28 -2.06
CA PRO A 16 7.31 -16.76 -0.97
C PRO A 16 7.94 -15.55 -0.26
N ILE A 17 7.14 -14.50 -0.04
CA ILE A 17 7.52 -13.28 0.73
C ILE A 17 6.36 -12.96 1.69
N LEU A 18 6.63 -12.32 2.83
CA LEU A 18 5.57 -11.93 3.79
C LEU A 18 4.59 -11.01 3.09
N GLY A 19 3.28 -11.28 3.18
CA GLY A 19 2.19 -10.47 2.62
C GLY A 19 1.85 -10.91 1.20
N ARG A 20 0.58 -11.23 0.95
CA ARG A 20 0.12 -11.75 -0.37
C ARG A 20 -0.52 -10.61 -1.19
N PHE A 21 0.31 -9.76 -1.78
CA PHE A 21 -0.10 -8.75 -2.79
C PHE A 21 -0.74 -9.44 -4.00
N SER A 22 -1.90 -8.95 -4.44
CA SER A 22 -2.61 -9.49 -5.62
C SER A 22 -2.61 -8.46 -6.75
N SER A 23 -3.51 -7.47 -6.72
CA SER A 23 -3.73 -6.61 -7.93
C SER A 23 -3.55 -5.13 -7.60
N HIS A 24 -3.83 -4.75 -6.34
CA HIS A 24 -3.64 -3.38 -5.81
C HIS A 24 -3.44 -3.44 -4.29
N LEU A 25 -2.80 -2.43 -3.71
CA LEU A 25 -2.63 -2.36 -2.23
C LEU A 25 -3.99 -2.11 -1.55
N LYS A 26 -4.25 -2.81 -0.46
CA LYS A 26 -5.31 -2.48 0.50
C LYS A 26 -4.64 -1.94 1.77
N ILE A 27 -4.99 -0.73 2.19
CA ILE A 27 -4.32 -0.05 3.34
C ILE A 27 -5.35 0.15 4.45
N GLY A 28 -4.99 -0.24 5.68
CA GLY A 28 -5.72 0.15 6.90
C GLY A 28 -5.14 1.41 7.52
N ILE A 29 -5.99 2.37 7.89
CA ILE A 29 -5.57 3.56 8.69
C ILE A 29 -5.73 3.22 10.17
N VAL A 30 -4.63 3.18 10.93
CA VAL A 30 -4.70 2.85 12.39
C VAL A 30 -4.05 3.96 13.22
N GLY A 31 -4.43 4.00 14.50
CA GLY A 31 -3.88 4.92 15.50
C GLY A 31 -4.83 5.06 16.67
N LEU A 32 -4.44 5.81 17.70
CA LEU A 32 -5.33 6.05 18.86
C LEU A 32 -6.49 6.93 18.40
N PRO A 33 -7.59 7.01 19.20
CA PRO A 33 -8.69 7.91 18.90
C PRO A 33 -8.25 9.37 18.84
N ASN A 34 -8.95 10.17 18.03
CA ASN A 34 -8.82 11.64 17.94
C ASN A 34 -7.47 12.06 17.34
N VAL A 35 -6.85 11.25 16.48
CA VAL A 35 -5.58 11.65 15.81
C VAL A 35 -5.85 12.14 14.39
N GLY A 36 -7.06 11.97 13.86
CA GLY A 36 -7.48 12.50 12.54
C GLY A 36 -7.58 11.41 11.46
N LYS A 37 -7.79 10.15 11.86
CA LYS A 37 -7.92 9.01 10.92
C LYS A 37 -9.15 9.22 10.03
N SER A 38 -10.32 9.45 10.64
CA SER A 38 -11.60 9.57 9.90
C SER A 38 -11.61 10.87 9.08
N THR A 39 -10.94 11.91 9.57
CA THR A 39 -10.78 13.18 8.83
C THR A 39 -9.91 12.92 7.58
N LEU A 40 -8.78 12.24 7.74
CA LEU A 40 -7.91 11.88 6.59
C LEU A 40 -8.72 11.04 5.59
N PHE A 41 -9.45 10.03 6.08
CA PHE A 41 -10.28 9.14 5.23
C PHE A 41 -11.31 9.98 4.46
N ASN A 42 -11.98 10.92 5.11
CA ASN A 42 -13.02 11.77 4.47
C ASN A 42 -12.35 12.66 3.42
N THR A 43 -11.13 13.13 3.68
CA THR A 43 -10.37 13.95 2.70
C THR A 43 -10.10 13.08 1.45
N LEU A 44 -9.64 11.85 1.63
CA LEU A 44 -9.36 10.89 0.52
C LEU A 44 -10.68 10.48 -0.17
N THR A 45 -11.78 10.34 0.57
CA THR A 45 -13.11 10.01 -0.02
C THR A 45 -13.48 11.09 -1.05
N LYS A 46 -13.27 12.38 -0.73
CA LYS A 46 -13.60 13.50 -1.67
C LYS A 46 -12.84 13.34 -2.99
N LEU A 47 -11.65 12.72 -2.96
CA LEU A 47 -10.74 12.55 -4.12
C LEU A 47 -10.97 11.19 -4.82
N SER A 48 -11.90 10.35 -4.35
CA SER A 48 -11.93 8.90 -4.64
C SER A 48 -12.62 8.60 -5.98
N ILE A 49 -12.50 7.35 -6.45
CA ILE A 49 -13.22 6.82 -7.64
C ILE A 49 -14.64 6.46 -7.21
N PRO A 50 -15.71 6.97 -7.88
CA PRO A 50 -17.09 6.62 -7.51
C PRO A 50 -17.34 5.10 -7.59
N ALA A 51 -18.22 4.59 -6.75
CA ALA A 51 -18.46 3.14 -6.55
C ALA A 51 -19.06 2.50 -7.82
N GLU A 52 -19.68 3.29 -8.70
CA GLU A 52 -20.34 2.82 -9.94
C GLU A 52 -19.29 2.27 -10.93
N ASN A 53 -18.02 2.67 -10.82
CA ASN A 53 -16.93 2.22 -11.75
C ASN A 53 -16.46 0.80 -11.41
N PHE A 54 -16.94 0.18 -10.32
CA PHE A 54 -16.57 -1.20 -9.91
C PHE A 54 -17.83 -2.09 -9.90
N PRO A 55 -18.39 -2.38 -11.10
CA PRO A 55 -19.62 -3.16 -11.18
C PRO A 55 -19.51 -4.61 -10.66
N PHE A 56 -18.29 -5.12 -10.43
CA PHE A 56 -18.06 -6.50 -9.93
C PHE A 56 -17.88 -6.50 -8.42
N CYS A 57 -17.74 -5.32 -7.80
CA CYS A 57 -17.34 -5.20 -6.37
C CYS A 57 -18.45 -4.54 -5.55
N THR A 58 -18.62 -4.96 -4.30
CA THR A 58 -19.35 -4.19 -3.27
C THR A 58 -18.31 -3.43 -2.42
N ILE A 59 -18.38 -2.10 -2.42
CA ILE A 59 -17.46 -1.22 -1.66
C ILE A 59 -18.16 -0.83 -0.35
N GLU A 60 -17.66 -1.36 0.77
CA GLU A 60 -18.19 -1.12 2.14
C GLU A 60 -18.12 0.38 2.44
N PRO A 61 -18.88 0.88 3.43
CA PRO A 61 -18.95 2.32 3.67
C PRO A 61 -17.63 2.93 4.18
N ASN A 62 -16.80 2.15 4.88
CA ASN A 62 -15.51 2.68 5.42
C ASN A 62 -14.35 2.35 4.49
N GLU A 63 -14.59 2.29 3.18
CA GLU A 63 -13.61 1.88 2.14
C GLU A 63 -13.66 2.90 1.02
N ALA A 64 -12.51 3.29 0.48
CA ALA A 64 -12.39 4.27 -0.62
C ALA A 64 -11.31 3.76 -1.57
N ARG A 65 -11.52 3.93 -2.86
CA ARG A 65 -10.54 3.58 -3.91
C ARG A 65 -10.07 4.90 -4.50
N VAL A 66 -8.77 5.18 -4.43
CA VAL A 66 -8.22 6.48 -4.88
C VAL A 66 -7.14 6.20 -5.93
N ASN A 67 -7.21 6.92 -7.06
CA ASN A 67 -6.26 6.82 -8.18
C ASN A 67 -4.87 7.29 -7.71
N ILE A 68 -3.84 6.58 -8.15
CA ILE A 68 -2.41 6.93 -7.93
C ILE A 68 -2.02 7.84 -9.09
N PRO A 69 -1.66 9.12 -8.83
CA PRO A 69 -1.33 10.07 -9.89
C PRO A 69 0.00 9.62 -10.52
N ASP A 70 0.08 9.67 -11.84
CA ASP A 70 1.25 9.25 -12.62
C ASP A 70 1.27 10.03 -13.92
N GLU A 71 2.29 10.88 -14.11
CA GLU A 71 2.48 11.75 -15.30
C GLU A 71 2.55 10.87 -16.55
N ARG A 72 3.20 9.71 -16.42
CA ARG A 72 3.35 8.73 -17.53
C ARG A 72 1.96 8.27 -17.99
N PHE A 73 1.07 8.00 -17.04
CA PHE A 73 -0.28 7.43 -17.33
C PHE A 73 -1.09 8.49 -18.08
N ASP A 74 -0.97 9.75 -17.64
CA ASP A 74 -1.63 10.93 -18.27
C ASP A 74 -1.11 11.09 -19.70
N TRP A 75 0.21 11.00 -19.88
CA TRP A 75 0.84 11.14 -21.21
C TRP A 75 0.34 10.05 -22.16
N LEU A 76 0.36 8.77 -21.74
CA LEU A 76 -0.15 7.64 -22.56
C LEU A 76 -1.58 7.89 -23.01
N CYS A 77 -2.43 8.45 -22.14
CA CYS A 77 -3.87 8.72 -22.43
C CYS A 77 -4.03 9.86 -23.44
N GLN A 78 -3.20 10.90 -23.36
CA GLN A 78 -3.13 11.99 -24.37
C GLN A 78 -2.68 11.38 -25.72
N THR A 79 -1.69 10.49 -25.71
CA THR A 79 -1.07 9.88 -26.92
C THR A 79 -2.02 8.89 -27.61
N TYR A 80 -2.72 8.01 -26.86
CA TYR A 80 -3.57 6.94 -27.46
C TYR A 80 -5.03 7.36 -27.53
N LYS A 81 -5.47 8.37 -26.79
CA LYS A 81 -6.90 8.78 -26.73
C LYS A 81 -7.76 7.51 -26.62
N PRO A 82 -7.62 6.68 -25.56
CA PRO A 82 -8.33 5.39 -25.50
C PRO A 82 -9.82 5.61 -25.19
N LYS A 83 -10.67 4.62 -25.48
CA LYS A 83 -12.11 4.66 -25.12
C LYS A 83 -12.24 4.76 -23.59
N SER A 84 -11.43 4.00 -22.84
CA SER A 84 -11.46 4.02 -21.35
C SER A 84 -10.06 4.13 -20.76
N GLU A 85 -9.93 4.87 -19.67
CA GLU A 85 -8.68 5.12 -18.92
C GLU A 85 -8.79 4.47 -17.54
N ILE A 86 -7.91 3.51 -17.24
CA ILE A 86 -7.87 2.78 -15.94
C ILE A 86 -6.54 3.04 -15.24
N PRO A 87 -6.47 4.08 -14.39
CA PRO A 87 -5.27 4.36 -13.61
C PRO A 87 -5.07 3.27 -12.54
N ALA A 88 -3.85 3.13 -12.05
CA ALA A 88 -3.58 2.33 -10.84
C ALA A 88 -4.33 3.00 -9.69
N PHE A 89 -4.81 2.22 -8.72
CA PHE A 89 -5.49 2.77 -7.54
C PHE A 89 -5.01 2.02 -6.30
N LEU A 90 -5.26 2.69 -5.20
CA LEU A 90 -5.04 2.27 -3.80
C LEU A 90 -6.43 2.06 -3.17
N GLU A 91 -6.62 1.00 -2.41
CA GLU A 91 -7.86 0.79 -1.62
C GLU A 91 -7.56 1.09 -0.15
N ILE A 92 -8.30 2.03 0.44
CA ILE A 92 -8.05 2.52 1.83
C ILE A 92 -9.28 2.23 2.70
N HIS A 93 -9.03 1.69 3.90
CA HIS A 93 -10.05 1.34 4.93
C HIS A 93 -9.78 2.18 6.18
N ASP A 94 -10.78 2.95 6.61
CA ASP A 94 -10.83 3.59 7.95
C ASP A 94 -11.20 2.54 9.00
N ILE A 95 -10.31 2.31 9.98
CA ILE A 95 -10.54 1.43 11.16
C ILE A 95 -10.90 2.32 12.36
N ALA A 96 -11.99 2.00 13.06
CA ALA A 96 -12.61 2.84 14.13
C ALA A 96 -11.77 2.83 15.42
N GLY A 97 -11.34 1.64 15.87
CA GLY A 97 -10.54 1.45 17.08
C GLY A 97 -9.74 0.15 17.01
N LEU A 98 -8.83 -0.08 17.96
CA LEU A 98 -7.97 -1.30 18.04
C LEU A 98 -8.25 -2.04 19.36
N PHE A 112 -14.73 -7.91 14.38
CA PHE A 112 -14.12 -6.63 14.85
C PHE A 112 -12.74 -6.43 14.18
N LEU A 113 -11.96 -7.51 14.07
CA LEU A 113 -10.57 -7.54 13.53
C LEU A 113 -10.54 -8.15 12.12
N SER A 114 -11.70 -8.34 11.48
CA SER A 114 -11.77 -8.90 10.10
C SER A 114 -11.26 -7.84 9.11
N HIS A 115 -11.71 -6.60 9.26
CA HIS A 115 -11.31 -5.43 8.44
C HIS A 115 -9.77 -5.32 8.43
N ILE A 116 -9.14 -5.32 9.61
CA ILE A 116 -7.67 -5.04 9.75
C ILE A 116 -6.85 -6.23 9.19
N ARG A 117 -7.29 -7.47 9.39
CA ARG A 117 -6.49 -8.66 9.01
C ARG A 117 -6.31 -8.75 7.48
N ALA A 118 -7.22 -8.17 6.70
CA ALA A 118 -7.33 -8.33 5.23
C ALA A 118 -6.39 -7.36 4.50
N VAL A 119 -6.02 -6.25 5.13
CA VAL A 119 -5.22 -5.17 4.46
C VAL A 119 -3.79 -5.66 4.25
N ASP A 120 -3.12 -5.12 3.24
CA ASP A 120 -1.72 -5.45 2.88
C ASP A 120 -0.79 -4.72 3.83
N GLY A 121 -1.10 -3.46 4.12
CA GLY A 121 -0.23 -2.55 4.88
C GLY A 121 -1.04 -1.54 5.67
N ILE A 122 -0.36 -0.79 6.52
CA ILE A 122 -0.98 0.09 7.54
C ILE A 122 -0.40 1.50 7.38
N PHE A 123 -1.28 2.48 7.31
CA PHE A 123 -1.00 3.92 7.57
C PHE A 123 -1.22 4.17 9.06
N HIS A 124 -0.13 4.35 9.80
CA HIS A 124 -0.16 4.54 11.27
C HIS A 124 -0.11 6.05 11.52
N VAL A 125 -1.23 6.64 11.91
CA VAL A 125 -1.36 8.12 12.11
C VAL A 125 -1.00 8.45 13.57
N LEU A 126 -0.10 9.42 13.76
CA LEU A 126 0.35 9.94 15.07
C LEU A 126 -0.12 11.40 15.24
N ARG A 127 -0.66 11.71 16.41
CA ARG A 127 -0.95 13.10 16.85
C ARG A 127 0.36 13.80 17.25
N ALA A 128 0.75 14.84 16.52
CA ALA A 128 1.83 15.77 16.91
C ALA A 128 1.29 17.19 16.81
N PHE A 129 -0.01 17.39 17.02
CA PHE A 129 -0.65 18.73 17.01
C PHE A 129 -1.09 19.09 18.43
N GLU A 130 -0.98 20.37 18.78
CA GLU A 130 -1.34 20.94 20.11
C GLU A 130 -2.16 22.22 19.87
N ASP A 131 -3.16 22.48 20.71
CA ASP A 131 -3.96 23.73 20.73
C ASP A 131 -3.13 24.87 21.34
N ALA A 132 -3.65 26.11 21.28
CA ALA A 132 -2.92 27.36 21.60
C ALA A 132 -3.53 28.07 22.81
N ASP A 133 -4.52 28.95 22.58
CA ASP A 133 -5.09 29.87 23.60
C ASP A 133 -6.21 29.13 24.37
N ILE A 134 -6.93 28.24 23.68
CA ILE A 134 -8.06 27.44 24.24
C ILE A 134 -7.61 25.98 24.23
N ILE A 135 -7.42 25.39 25.42
CA ILE A 135 -6.78 24.05 25.56
C ILE A 135 -7.57 23.19 26.56
N HIS A 136 -7.42 21.88 26.44
CA HIS A 136 -7.98 20.87 27.38
C HIS A 136 -7.00 20.73 28.56
N VAL A 137 -7.52 20.52 29.77
CA VAL A 137 -6.66 20.24 30.96
C VAL A 137 -5.89 18.93 30.72
N ASP A 138 -4.59 18.94 30.99
CA ASP A 138 -3.67 17.75 31.04
C ASP A 138 -3.72 16.99 29.71
N ASP A 139 -3.87 17.70 28.60
CA ASP A 139 -3.99 17.09 27.25
C ASP A 139 -2.56 16.89 26.73
N ILE A 140 -1.88 15.84 27.17
CA ILE A 140 -0.41 15.65 26.96
C ILE A 140 -0.22 14.94 25.61
N VAL A 141 0.38 15.64 24.64
CA VAL A 141 0.77 15.05 23.33
C VAL A 141 2.12 14.33 23.53
N ASP A 142 2.22 13.07 23.12
CA ASP A 142 3.46 12.27 23.19
C ASP A 142 3.41 11.19 22.10
N PRO A 143 3.86 11.52 20.87
CA PRO A 143 3.81 10.58 19.74
C PRO A 143 4.54 9.26 20.00
N VAL A 144 5.71 9.31 20.66
CA VAL A 144 6.51 8.10 20.99
C VAL A 144 5.68 7.18 21.90
N ARG A 145 5.13 7.71 22.99
CA ARG A 145 4.23 6.94 23.90
C ARG A 145 3.13 6.27 23.07
N ASP A 146 2.53 7.01 22.12
CA ASP A 146 1.43 6.50 21.28
C ASP A 146 1.97 5.40 20.33
N LEU A 147 3.16 5.58 19.74
CA LEU A 147 3.81 4.56 18.90
C LEU A 147 3.94 3.23 19.66
N GLU A 148 4.47 3.29 20.88
CA GLU A 148 4.69 2.10 21.75
C GLU A 148 3.33 1.46 22.07
N THR A 149 2.30 2.25 22.38
CA THR A 149 0.95 1.74 22.71
C THR A 149 0.39 0.95 21.52
N ILE A 150 0.36 1.52 20.31
CA ILE A 150 -0.36 0.88 19.17
C ILE A 150 0.45 -0.33 18.69
N THR A 151 1.78 -0.22 18.57
CA THR A 151 2.63 -1.35 18.11
C THR A 151 2.51 -2.51 19.10
N GLU A 152 2.41 -2.21 20.39
CA GLU A 152 2.23 -3.25 21.44
C GLU A 152 0.87 -3.91 21.21
N GLU A 153 -0.16 -3.11 20.98
CA GLU A 153 -1.56 -3.62 20.85
C GLU A 153 -1.65 -4.56 19.63
N LEU A 154 -0.94 -4.27 18.54
CA LEU A 154 -0.96 -5.14 17.33
C LEU A 154 -0.30 -6.48 17.68
N ARG A 155 0.83 -6.45 18.37
CA ARG A 155 1.52 -7.69 18.79
C ARG A 155 0.63 -8.50 19.74
N LEU A 156 -0.08 -7.82 20.65
CA LEU A 156 -0.98 -8.49 21.62
C LEU A 156 -2.11 -9.20 20.88
N LYS A 157 -2.68 -8.57 19.85
CA LYS A 157 -3.77 -9.21 19.07
C LYS A 157 -3.18 -10.43 18.33
N ASP A 158 -1.92 -10.35 17.91
CA ASP A 158 -1.21 -11.47 17.26
C ASP A 158 -1.01 -12.58 18.31
N ILE A 159 -0.62 -12.26 19.53
CA ILE A 159 -0.38 -13.28 20.60
C ILE A 159 -1.70 -14.00 20.89
N GLU A 160 -2.81 -13.27 20.98
CA GLU A 160 -4.17 -13.87 21.18
C GLU A 160 -4.49 -14.81 20.00
N PHE A 161 -4.33 -14.36 18.76
CA PHE A 161 -4.58 -15.19 17.54
C PHE A 161 -3.72 -16.47 17.60
N VAL A 162 -2.42 -16.31 17.86
CA VAL A 162 -1.44 -17.44 17.85
C VAL A 162 -1.79 -18.43 18.97
N GLY A 163 -2.15 -17.93 20.15
CA GLY A 163 -2.66 -18.71 21.30
C GLY A 163 -3.82 -19.62 20.89
N LYS A 164 -4.86 -19.05 20.28
CA LYS A 164 -6.04 -19.80 19.76
C LYS A 164 -5.59 -20.85 18.74
N LYS A 165 -4.73 -20.51 17.77
CA LYS A 165 -4.28 -21.45 16.71
C LYS A 165 -3.46 -22.60 17.32
N ILE A 166 -2.66 -22.33 18.35
CA ILE A 166 -1.85 -23.39 19.05
C ILE A 166 -2.81 -24.39 19.69
N ASP A 167 -3.90 -23.92 20.30
CA ASP A 167 -4.95 -24.79 20.92
C ASP A 167 -5.60 -25.65 19.84
N ASP A 168 -6.05 -25.03 18.74
CA ASP A 168 -6.64 -25.74 17.56
C ASP A 168 -5.71 -26.82 17.06
N VAL A 169 -4.42 -26.51 16.89
CA VAL A 169 -3.43 -27.45 16.31
C VAL A 169 -3.19 -28.59 17.30
N GLU A 170 -3.12 -28.30 18.60
CA GLU A 170 -2.89 -29.32 19.66
C GLU A 170 -4.08 -30.29 19.69
N LYS A 171 -5.29 -29.80 19.46
CA LYS A 171 -6.54 -30.60 19.46
C LYS A 171 -6.52 -31.53 18.23
N SER A 172 -6.25 -30.95 17.06
CA SER A 172 -6.07 -31.70 15.79
C SER A 172 -5.01 -32.77 15.97
N MET A 173 -3.91 -32.45 16.67
CA MET A 173 -2.79 -33.41 16.84
C MET A 173 -3.19 -34.57 17.78
N LYS A 174 -4.25 -34.42 18.58
CA LYS A 174 -4.84 -35.53 19.37
C LYS A 174 -5.43 -36.58 18.41
N ARG A 175 -5.98 -36.13 17.27
CA ARG A 175 -6.74 -36.95 16.30
C ARG A 175 -5.84 -37.37 15.12
N SER A 176 -5.17 -36.40 14.49
CA SER A 176 -4.39 -36.58 13.23
C SER A 176 -2.92 -36.88 13.53
N ASN A 177 -2.28 -37.67 12.67
CA ASN A 177 -0.84 -38.03 12.73
C ASN A 177 -0.02 -37.11 11.81
N ASP A 178 -0.72 -36.25 11.05
CA ASP A 178 -0.21 -35.45 9.90
C ASP A 178 1.03 -34.64 10.31
N LYS A 179 2.09 -34.70 9.49
CA LYS A 179 3.39 -34.01 9.71
C LYS A 179 3.19 -32.49 9.65
N GLN A 180 2.28 -31.98 8.82
CA GLN A 180 2.07 -30.52 8.63
C GLN A 180 1.67 -29.88 9.96
N LEU A 181 0.96 -30.59 10.84
CA LEU A 181 0.50 -30.06 12.15
C LEU A 181 1.71 -29.81 13.06
N LYS A 182 2.66 -30.75 13.08
CA LYS A 182 3.90 -30.65 13.89
C LYS A 182 4.72 -29.44 13.42
N ILE A 183 4.71 -29.15 12.11
CA ILE A 183 5.44 -28.01 11.49
C ILE A 183 4.73 -26.72 11.92
N GLU A 184 3.42 -26.65 11.69
CA GLU A 184 2.59 -25.47 12.03
C GLU A 184 2.80 -25.14 13.53
N LEU A 185 2.75 -26.14 14.39
CA LEU A 185 2.91 -25.96 15.86
C LEU A 185 4.30 -25.38 16.18
N GLU A 186 5.38 -25.93 15.62
CA GLU A 186 6.78 -25.49 15.91
C GLU A 186 6.90 -24.01 15.53
N LEU A 187 6.34 -23.65 14.37
CA LEU A 187 6.33 -22.25 13.87
C LEU A 187 5.50 -21.37 14.81
N LEU A 188 4.29 -21.79 15.18
CA LEU A 188 3.40 -20.94 16.01
C LEU A 188 4.09 -20.65 17.35
N GLN A 189 4.83 -21.62 17.90
CA GLN A 189 5.54 -21.47 19.19
C GLN A 189 6.74 -20.53 19.02
N LYS A 190 7.50 -20.63 17.92
CA LYS A 190 8.58 -19.68 17.57
C LYS A 190 8.01 -18.24 17.49
N VAL A 191 6.82 -18.08 16.89
CA VAL A 191 6.14 -16.76 16.65
C VAL A 191 5.64 -16.22 18.00
N LYS A 192 4.96 -17.05 18.79
CA LYS A 192 4.51 -16.68 20.15
C LYS A 192 5.68 -16.07 20.94
N ALA A 193 6.84 -16.75 20.97
CA ALA A 193 8.03 -16.34 21.75
C ALA A 193 8.57 -15.02 21.20
N TRP A 194 8.67 -14.89 19.88
CA TRP A 194 9.11 -13.64 19.18
C TRP A 194 8.24 -12.46 19.62
N LEU A 195 6.92 -12.64 19.59
CA LEU A 195 5.92 -11.59 19.91
C LEU A 195 6.01 -11.26 21.41
N GLU A 196 6.13 -12.27 22.27
CA GLU A 196 6.20 -12.05 23.73
C GLU A 196 7.49 -11.31 24.08
N ASP A 197 8.54 -11.41 23.24
CA ASP A 197 9.81 -10.67 23.41
C ASP A 197 9.68 -9.24 22.85
N GLY A 198 8.47 -8.80 22.53
CA GLY A 198 8.15 -7.43 22.06
C GLY A 198 8.60 -7.17 20.63
N LYS A 199 8.78 -8.21 19.82
CA LYS A 199 9.27 -8.05 18.42
C LYS A 199 8.13 -8.31 17.42
N ASP A 200 8.06 -7.50 16.36
CA ASP A 200 7.08 -7.63 15.26
C ASP A 200 7.48 -8.80 14.37
N VAL A 201 6.51 -9.57 13.90
CA VAL A 201 6.72 -10.73 12.97
C VAL A 201 7.47 -10.26 11.72
N ARG A 202 7.22 -9.04 11.21
CA ARG A 202 7.83 -8.59 9.93
C ARG A 202 9.35 -8.39 10.06
N PHE A 203 9.91 -8.38 11.27
CA PHE A 203 11.37 -8.23 11.50
C PHE A 203 12.02 -9.57 11.82
N GLY A 204 11.31 -10.68 11.58
CA GLY A 204 11.83 -12.03 11.81
C GLY A 204 12.64 -12.52 10.63
N ASP A 205 13.52 -13.47 10.88
CA ASP A 205 14.29 -14.17 9.82
C ASP A 205 13.57 -15.49 9.58
N TRP A 206 12.55 -15.48 8.71
CA TRP A 206 11.66 -16.62 8.40
C TRP A 206 12.11 -17.27 7.09
N LYS A 207 12.25 -18.59 7.09
CA LYS A 207 12.60 -19.37 5.87
C LYS A 207 11.32 -19.45 5.03
N THR A 208 11.41 -19.73 3.73
CA THR A 208 10.27 -19.66 2.77
C THR A 208 9.12 -20.56 3.26
N ALA A 209 9.45 -21.68 3.89
CA ALA A 209 8.49 -22.67 4.40
C ALA A 209 7.64 -22.04 5.51
N ASP A 210 8.27 -21.26 6.39
CA ASP A 210 7.63 -20.51 7.50
C ASP A 210 6.74 -19.43 6.90
N ILE A 211 7.26 -18.70 5.92
CA ILE A 211 6.57 -17.53 5.28
C ILE A 211 5.24 -17.99 4.70
N GLU A 212 5.21 -19.15 4.03
CA GLU A 212 3.97 -19.69 3.41
C GLU A 212 2.94 -19.98 4.53
N ILE A 213 3.38 -20.46 5.68
CA ILE A 213 2.43 -20.72 6.81
C ILE A 213 2.00 -19.37 7.40
N LEU A 214 2.94 -18.46 7.64
CA LEU A 214 2.67 -17.14 8.28
C LEU A 214 1.63 -16.39 7.44
N ASN A 215 1.70 -16.49 6.13
CA ASN A 215 0.83 -15.70 5.20
C ASN A 215 -0.64 -16.11 5.39
N THR A 216 -0.92 -17.36 5.74
CA THR A 216 -2.32 -17.84 5.98
C THR A 216 -2.90 -17.24 7.27
N PHE A 217 -2.07 -16.76 8.19
CA PHE A 217 -2.49 -16.22 9.51
C PHE A 217 -2.86 -14.73 9.41
N GLN A 218 -2.25 -13.98 8.48
CA GLN A 218 -2.50 -12.52 8.31
C GLN A 218 -2.27 -11.78 9.64
N LEU A 219 -1.16 -12.06 10.32
CA LEU A 219 -0.78 -11.39 11.58
C LEU A 219 -0.58 -9.89 11.34
N LEU A 220 -1.03 -9.08 12.30
CA LEU A 220 -1.06 -7.60 12.21
C LEU A 220 0.38 -7.05 12.19
N SER A 221 1.25 -7.63 13.01
CA SER A 221 2.66 -7.20 13.15
C SER A 221 3.50 -7.74 12.00
N ALA A 222 2.92 -8.54 11.10
CA ALA A 222 3.54 -8.98 9.83
C ALA A 222 3.35 -7.93 8.73
N LYS A 223 2.47 -6.95 8.92
CA LYS A 223 2.12 -5.98 7.85
C LYS A 223 3.08 -4.80 7.87
N PRO A 224 3.54 -4.34 6.69
CA PRO A 224 4.41 -3.17 6.60
C PRO A 224 3.61 -1.90 6.93
N VAL A 225 4.33 -0.86 7.31
CA VAL A 225 3.77 0.37 7.92
C VAL A 225 4.36 1.58 7.22
N VAL A 226 3.51 2.58 6.98
CA VAL A 226 3.93 3.98 6.76
C VAL A 226 3.38 4.83 7.91
N TYR A 227 4.24 5.65 8.51
CA TYR A 227 3.91 6.54 9.65
C TYR A 227 3.48 7.89 9.08
N LEU A 228 2.26 8.32 9.36
CA LEU A 228 1.73 9.65 8.94
C LEU A 228 1.65 10.53 10.19
N ILE A 229 2.47 11.59 10.23
CA ILE A 229 2.59 12.47 11.43
C ILE A 229 1.71 13.69 11.20
N ASN A 230 0.61 13.76 11.95
CA ASN A 230 -0.42 14.81 11.81
C ASN A 230 0.02 16.05 12.61
N LEU A 231 0.21 17.16 11.92
CA LEU A 231 0.71 18.44 12.45
C LEU A 231 -0.36 19.51 12.24
N ASN A 232 -0.34 20.58 13.03
CA ASN A 232 -1.15 21.77 12.66
C ASN A 232 -0.51 22.37 11.42
N GLU A 233 -1.28 23.20 10.72
CA GLU A 233 -0.91 23.73 9.40
C GLU A 233 0.32 24.64 9.52
N ARG A 234 0.49 25.34 10.65
CA ARG A 234 1.69 26.21 10.85
C ARG A 234 2.96 25.33 10.84
N ASP A 235 2.99 24.25 11.63
CA ASP A 235 4.16 23.35 11.72
C ASP A 235 4.45 22.73 10.35
N TYR A 236 3.42 22.39 9.58
CA TYR A 236 3.56 21.76 8.24
C TYR A 236 4.13 22.78 7.27
N GLN A 237 3.63 24.01 7.31
CA GLN A 237 4.13 25.14 6.46
C GLN A 237 5.58 25.46 6.83
N ARG A 238 5.91 25.46 8.14
CA ARG A 238 7.26 25.79 8.66
C ARG A 238 8.25 24.66 8.34
N LYS A 239 7.74 23.42 8.23
CA LYS A 239 8.56 22.22 7.99
C LYS A 239 9.35 21.94 9.26
N LYS A 240 8.67 22.02 10.39
CA LYS A 240 9.32 21.86 11.71
C LYS A 240 8.32 21.39 12.75
N ASN A 241 8.72 20.48 13.60
CA ASN A 241 7.92 20.06 14.78
C ASN A 241 8.84 19.40 15.80
N LYS A 242 8.71 19.78 17.06
CA LYS A 242 9.62 19.36 18.17
C LYS A 242 9.64 17.83 18.27
N PHE A 243 8.53 17.17 17.93
CA PHE A 243 8.37 15.70 18.10
C PHE A 243 9.00 14.92 16.95
N LEU A 244 9.33 15.55 15.82
CA LEU A 244 9.78 14.80 14.61
C LEU A 244 11.11 14.08 14.88
N PRO A 245 12.14 14.74 15.46
CA PRO A 245 13.37 14.03 15.78
C PRO A 245 13.18 12.83 16.71
N LYS A 246 12.32 12.95 17.72
CA LYS A 246 12.01 11.87 18.68
C LYS A 246 11.29 10.73 17.95
N ILE A 247 10.39 11.04 17.02
CA ILE A 247 9.65 10.02 16.22
C ILE A 247 10.65 9.33 15.27
N HIS A 248 11.43 10.12 14.53
CA HIS A 248 12.46 9.60 13.59
C HIS A 248 13.38 8.63 14.34
N ALA A 249 13.91 9.01 15.51
CA ALA A 249 14.87 8.22 16.29
C ALA A 249 14.24 6.87 16.65
N TRP A 250 13.02 6.90 17.20
CA TRP A 250 12.27 5.68 17.60
C TRP A 250 12.09 4.76 16.39
N VAL A 251 11.75 5.32 15.23
CA VAL A 251 11.45 4.59 13.97
C VAL A 251 12.74 3.92 13.46
N GLN A 252 13.89 4.55 13.65
CA GLN A 252 15.21 3.96 13.29
C GLN A 252 15.48 2.72 14.15
N GLU A 253 15.20 2.77 15.45
CA GLU A 253 15.40 1.63 16.39
C GLU A 253 14.32 0.56 16.21
N HIS A 254 13.25 0.82 15.46
CA HIS A 254 12.10 -0.13 15.32
C HIS A 254 11.65 -0.23 13.86
N GLY A 255 12.57 -0.35 12.90
CA GLY A 255 12.26 -0.85 11.55
C GLY A 255 12.75 0.05 10.43
N GLY A 256 12.94 1.35 10.68
CA GLY A 256 13.37 2.30 9.63
C GLY A 256 12.30 2.62 8.60
N ASP A 257 11.01 2.51 8.96
CA ASP A 257 9.88 2.69 8.01
C ASP A 257 9.77 4.16 7.58
N THR A 258 9.10 4.43 6.47
CA THR A 258 8.84 5.79 5.94
C THR A 258 7.94 6.58 6.91
N MET A 259 8.28 7.86 7.10
CA MET A 259 7.53 8.87 7.87
C MET A 259 7.12 10.00 6.92
N ILE A 260 5.85 10.37 6.90
CA ILE A 260 5.38 11.48 6.05
C ILE A 260 4.61 12.43 6.95
N PRO A 261 5.13 13.65 7.14
CA PRO A 261 4.39 14.68 7.86
C PRO A 261 3.25 15.21 6.97
N PHE A 262 2.12 15.49 7.61
CA PHE A 262 0.96 16.15 6.95
C PHE A 262 0.23 17.00 7.99
N SER A 263 -0.67 17.85 7.53
CA SER A 263 -1.69 18.53 8.36
C SER A 263 -3.09 18.11 7.91
N GLY A 264 -3.79 17.33 8.73
CA GLY A 264 -5.18 16.90 8.46
C GLY A 264 -6.11 18.07 8.28
N VAL A 265 -5.99 19.10 9.13
CA VAL A 265 -6.85 20.32 9.06
C VAL A 265 -6.59 21.06 7.74
N PHE A 266 -5.34 21.19 7.31
CA PHE A 266 -4.98 21.84 6.02
C PHE A 266 -5.51 21.02 4.85
N GLU A 267 -5.29 19.70 4.85
CA GLU A 267 -5.75 18.83 3.73
C GLU A 267 -7.28 18.85 3.65
N ARG A 268 -7.98 18.86 4.78
CA ARG A 268 -9.47 18.96 4.78
C ARG A 268 -9.89 20.26 4.09
N SER A 269 -9.31 21.39 4.49
CA SER A 269 -9.61 22.73 3.92
C SER A 269 -9.30 22.75 2.43
N LEU A 270 -8.14 22.24 2.04
CA LEU A 270 -7.68 22.34 0.63
C LEU A 270 -8.59 21.50 -0.26
N ALA A 271 -9.01 20.32 0.19
CA ALA A 271 -9.88 19.42 -0.59
C ALA A 271 -11.27 20.03 -0.78
N ASP A 272 -11.67 20.98 0.05
CA ASP A 272 -13.02 21.63 0.00
C ASP A 272 -12.99 22.86 -0.94
N MET A 273 -11.82 23.44 -1.21
CA MET A 273 -11.65 24.60 -2.12
C MET A 273 -11.83 24.16 -3.58
N ALA A 274 -12.06 25.12 -4.48
CA ALA A 274 -12.07 24.91 -5.94
C ALA A 274 -10.63 24.89 -6.44
N PRO A 275 -10.34 24.21 -7.57
CA PRO A 275 -8.98 24.18 -8.14
C PRO A 275 -8.25 25.53 -8.14
N ASP A 276 -8.91 26.61 -8.59
CA ASP A 276 -8.34 27.98 -8.68
C ASP A 276 -7.95 28.50 -7.29
N GLU A 277 -8.89 28.44 -6.33
CA GLU A 277 -8.69 28.86 -4.92
C GLU A 277 -7.57 28.02 -4.28
N ALA A 278 -7.55 26.71 -4.55
CA ALA A 278 -6.56 25.74 -4.00
C ALA A 278 -5.14 26.17 -4.42
N ALA A 279 -4.93 26.44 -5.71
CA ALA A 279 -3.65 26.90 -6.30
C ALA A 279 -3.23 28.25 -5.69
N LYS A 280 -4.13 29.22 -5.63
CA LYS A 280 -3.89 30.55 -5.03
C LYS A 280 -3.48 30.38 -3.55
N TYR A 281 -4.18 29.52 -2.81
CA TYR A 281 -3.94 29.29 -1.37
C TYR A 281 -2.52 28.74 -1.19
N CYS A 282 -2.14 27.74 -1.99
CA CYS A 282 -0.83 27.03 -1.92
C CYS A 282 0.31 27.98 -2.34
N GLU A 283 0.12 28.78 -3.39
CA GLU A 283 1.11 29.81 -3.84
C GLU A 283 1.33 30.84 -2.73
N GLU A 284 0.26 31.56 -2.35
CA GLU A 284 0.29 32.67 -1.36
C GLU A 284 0.86 32.20 -0.02
N ASN A 285 0.52 31.00 0.45
CA ASN A 285 0.92 30.50 1.80
C ASN A 285 2.18 29.64 1.74
N LYS A 286 2.69 29.36 0.53
CA LYS A 286 3.99 28.67 0.32
C LYS A 286 3.94 27.27 0.96
N LEU A 287 2.95 26.46 0.61
CA LEU A 287 2.94 25.00 0.93
C LEU A 287 2.17 24.26 -0.18
N GLN A 288 2.28 22.93 -0.18
CA GLN A 288 1.59 22.04 -1.15
C GLN A 288 0.94 20.88 -0.36
N SER A 289 -0.02 20.21 -1.01
CA SER A 289 -0.67 18.99 -0.50
C SER A 289 0.38 17.88 -0.31
N ALA A 290 0.29 17.14 0.80
CA ALA A 290 1.05 15.91 1.08
C ALA A 290 0.36 14.68 0.49
N LEU A 291 -0.90 14.77 0.09
CA LEU A 291 -1.71 13.56 -0.26
C LEU A 291 -1.07 12.82 -1.44
N PRO A 292 -0.64 13.50 -2.52
CA PRO A 292 -0.01 12.81 -3.64
C PRO A 292 1.16 11.92 -3.20
N ARG A 293 2.08 12.48 -2.42
CA ARG A 293 3.24 11.74 -1.85
C ARG A 293 2.73 10.54 -1.02
N ILE A 294 1.73 10.73 -0.16
CA ILE A 294 1.17 9.65 0.70
C ILE A 294 0.61 8.54 -0.21
N ILE A 295 -0.15 8.90 -1.24
CA ILE A 295 -0.82 7.93 -2.15
C ILE A 295 0.24 7.14 -2.95
N LYS A 296 1.33 7.79 -3.34
CA LYS A 296 2.38 7.18 -4.22
C LYS A 296 3.43 6.43 -3.41
N THR A 297 3.47 6.56 -2.09
CA THR A 297 4.64 6.10 -1.28
C THR A 297 4.71 4.56 -1.29
N GLY A 298 3.60 3.87 -1.07
CA GLY A 298 3.59 2.39 -0.95
C GLY A 298 4.52 1.92 0.16
N PHE A 299 5.05 0.70 0.07
CA PHE A 299 5.79 0.01 1.16
C PHE A 299 7.04 -0.70 0.64
N SER A 300 8.14 -0.61 1.40
CA SER A 300 9.46 -1.21 1.13
C SER A 300 9.33 -2.74 1.02
N ALA A 301 8.61 -3.38 1.94
CA ALA A 301 8.48 -4.85 2.00
C ALA A 301 7.70 -5.36 0.77
N ILE A 302 6.89 -4.49 0.16
CA ILE A 302 6.01 -4.79 -1.01
C ILE A 302 6.54 -3.95 -2.19
N ASN A 303 7.60 -4.45 -2.81
CA ASN A 303 8.35 -3.74 -3.87
C ASN A 303 7.61 -3.94 -5.20
N LEU A 304 6.91 -2.91 -5.64
CA LEU A 304 5.98 -2.92 -6.79
C LEU A 304 6.60 -2.11 -7.93
N ILE A 305 6.26 -2.48 -9.17
CA ILE A 305 6.51 -1.64 -10.38
C ILE A 305 5.17 -1.53 -11.14
N TYR A 306 5.09 -0.57 -12.05
CA TYR A 306 3.94 -0.40 -12.97
C TYR A 306 4.36 -0.84 -14.37
N PHE A 307 3.49 -1.58 -15.05
CA PHE A 307 3.52 -1.71 -16.53
C PHE A 307 2.16 -1.27 -17.06
N PHE A 308 2.12 -0.86 -18.32
CA PHE A 308 0.89 -0.35 -18.97
C PHE A 308 0.48 -1.29 -20.10
N THR A 309 -0.82 -1.40 -20.33
CA THR A 309 -1.40 -1.86 -21.61
C THR A 309 -2.02 -0.62 -22.26
N ALA A 310 -1.84 -0.45 -23.56
CA ALA A 310 -2.27 0.77 -24.27
C ALA A 310 -2.76 0.40 -25.67
N GLY A 311 -3.87 1.00 -26.08
CA GLY A 311 -4.46 0.78 -27.41
C GLY A 311 -5.70 1.66 -27.55
N PRO A 312 -6.42 1.56 -28.69
CA PRO A 312 -7.60 2.40 -28.90
C PRO A 312 -8.69 2.14 -27.86
N ASP A 313 -8.79 0.90 -27.36
CA ASP A 313 -9.87 0.46 -26.43
C ASP A 313 -9.56 0.97 -25.01
N GLU A 314 -8.31 0.84 -24.56
CA GLU A 314 -7.99 1.01 -23.13
C GLU A 314 -6.53 1.40 -22.94
N VAL A 315 -6.27 2.33 -22.02
CA VAL A 315 -4.94 2.47 -21.38
C VAL A 315 -5.12 2.11 -19.92
N LYS A 316 -4.35 1.15 -19.43
CA LYS A 316 -4.46 0.65 -18.04
C LYS A 316 -3.06 0.53 -17.43
N CYS A 317 -2.94 0.91 -16.17
CA CYS A 317 -1.73 0.74 -15.33
C CYS A 317 -1.89 -0.53 -14.48
N TRP A 318 -0.96 -1.47 -14.62
CA TRP A 318 -0.92 -2.74 -13.84
C TRP A 318 0.19 -2.64 -12.82
N GLN A 319 -0.06 -3.17 -11.62
CA GLN A 319 0.87 -3.18 -10.48
C GLN A 319 1.33 -4.60 -10.25
N ILE A 320 2.63 -4.86 -10.33
CA ILE A 320 3.21 -6.21 -10.04
C ILE A 320 4.50 -6.07 -9.23
N ARG A 321 4.91 -7.17 -8.58
CA ARG A 321 6.17 -7.25 -7.82
C ARG A 321 7.35 -6.98 -8.76
N ARG A 322 8.29 -6.15 -8.32
CA ARG A 322 9.60 -5.93 -9.00
C ARG A 322 10.23 -7.31 -9.28
N GLN A 323 10.91 -7.43 -10.41
CA GLN A 323 11.69 -8.61 -10.86
C GLN A 323 10.77 -9.69 -11.42
N SER A 324 9.47 -9.41 -11.58
CA SER A 324 8.51 -10.35 -12.22
C SER A 324 8.97 -10.65 -13.65
N LYS A 325 8.92 -11.91 -14.08
CA LYS A 325 9.22 -12.30 -15.49
C LYS A 325 7.95 -12.08 -16.33
N ALA A 326 8.09 -11.95 -17.64
CA ALA A 326 6.99 -11.60 -18.58
C ALA A 326 5.77 -12.50 -18.38
N PRO A 327 5.90 -13.84 -18.27
CA PRO A 327 4.71 -14.69 -18.11
C PRO A 327 4.00 -14.44 -16.76
N GLN A 328 4.74 -14.07 -15.72
CA GLN A 328 4.15 -13.74 -14.39
C GLN A 328 3.38 -12.43 -14.50
N ALA A 329 3.86 -11.46 -15.29
CA ALA A 329 3.14 -10.19 -15.54
C ALA A 329 1.84 -10.50 -16.29
N ALA A 330 1.86 -11.45 -17.22
CA ALA A 330 0.67 -11.91 -17.97
C ALA A 330 -0.33 -12.52 -17.00
N GLY A 331 0.16 -13.35 -16.08
CA GLY A 331 -0.59 -13.98 -14.97
C GLY A 331 -1.35 -12.96 -14.13
N ALA A 332 -0.79 -11.78 -13.92
CA ALA A 332 -1.45 -10.69 -13.16
C ALA A 332 -2.67 -10.17 -13.93
N ILE A 333 -2.73 -10.34 -15.26
CA ILE A 333 -3.96 -10.04 -16.04
C ILE A 333 -4.93 -11.22 -15.84
N HIS A 334 -4.44 -12.45 -16.03
CA HIS A 334 -5.18 -13.69 -15.73
C HIS A 334 -4.25 -14.89 -15.92
N THR A 335 -4.40 -15.91 -15.07
CA THR A 335 -3.56 -17.14 -15.08
C THR A 335 -3.52 -17.78 -16.48
N ASP A 336 -4.61 -17.71 -17.25
CA ASP A 336 -4.68 -18.35 -18.60
C ASP A 336 -3.63 -17.73 -19.52
N PHE A 337 -3.32 -16.44 -19.35
CA PHE A 337 -2.40 -15.71 -20.26
C PHE A 337 -0.96 -16.09 -19.90
N GLU A 338 -0.73 -16.49 -18.64
CA GLU A 338 0.59 -17.02 -18.18
C GLU A 338 0.75 -18.44 -18.72
N ARG A 339 -0.20 -19.33 -18.39
CA ARG A 339 -0.21 -20.76 -18.81
C ARG A 339 -0.13 -20.85 -20.34
N GLY A 340 -0.80 -19.96 -21.08
CA GLY A 340 -0.85 -20.00 -22.55
C GLY A 340 0.15 -19.07 -23.20
N PHE A 341 1.07 -18.49 -22.41
CA PHE A 341 2.00 -17.42 -22.82
C PHE A 341 2.79 -17.85 -24.06
N ILE A 342 2.98 -16.93 -25.02
CA ILE A 342 3.88 -17.13 -26.20
C ILE A 342 4.99 -16.08 -26.20
N CYS A 343 4.63 -14.80 -26.19
CA CYS A 343 5.62 -13.70 -26.10
C CYS A 343 4.98 -12.42 -25.60
N ALA A 344 5.81 -11.42 -25.36
CA ALA A 344 5.43 -10.08 -24.87
C ALA A 344 6.09 -9.08 -25.80
N GLU A 345 5.31 -8.25 -26.48
CA GLU A 345 5.84 -7.19 -27.36
C GLU A 345 5.92 -5.94 -26.47
N VAL A 346 7.12 -5.41 -26.29
CA VAL A 346 7.42 -4.44 -25.20
C VAL A 346 8.00 -3.19 -25.83
N MET A 347 7.54 -2.03 -25.38
CA MET A 347 8.22 -0.71 -25.54
C MET A 347 8.54 -0.18 -24.16
N LYS A 348 9.75 0.34 -23.98
CA LYS A 348 10.14 1.18 -22.83
C LYS A 348 9.38 2.50 -22.95
N PHE A 349 8.76 2.96 -21.86
CA PHE A 349 8.00 4.24 -21.82
C PHE A 349 8.90 5.39 -22.34
N GLU A 350 10.15 5.44 -21.90
CA GLU A 350 11.16 6.45 -22.31
C GLU A 350 11.19 6.51 -23.85
N ASP A 351 11.42 5.35 -24.50
CA ASP A 351 11.50 5.20 -25.98
C ASP A 351 10.24 5.78 -26.63
N LEU A 352 9.05 5.48 -26.10
CA LEU A 352 7.79 5.97 -26.70
C LEU A 352 7.72 7.49 -26.49
N LYS A 353 8.09 7.98 -25.31
CA LYS A 353 7.98 9.42 -24.93
C LYS A 353 8.87 10.28 -25.85
N GLU A 354 10.10 9.85 -26.13
CA GLU A 354 11.06 10.68 -26.91
C GLU A 354 10.75 10.58 -28.42
N LEU A 355 10.33 9.42 -28.94
CA LEU A 355 9.99 9.24 -30.37
C LEU A 355 8.56 9.73 -30.64
N GLY A 356 7.68 9.72 -29.63
CA GLY A 356 6.39 10.45 -29.67
C GLY A 356 5.20 9.60 -30.12
N ASN A 357 5.40 8.47 -30.82
CA ASN A 357 4.27 7.64 -31.30
C ASN A 357 4.78 6.24 -31.65
N GLU A 358 3.86 5.28 -31.66
CA GLU A 358 4.15 3.83 -31.82
C GLU A 358 4.76 3.56 -33.20
N PRO A 359 4.24 4.12 -34.32
CA PRO A 359 4.86 3.92 -35.63
C PRO A 359 6.35 4.30 -35.60
N ALA A 360 6.69 5.42 -34.96
CA ALA A 360 8.08 5.90 -34.78
C ALA A 360 8.90 4.87 -34.00
N VAL A 361 8.33 4.32 -32.92
CA VAL A 361 9.06 3.33 -32.06
C VAL A 361 9.33 2.08 -32.89
N LYS A 362 8.39 1.68 -33.73
CA LYS A 362 8.55 0.47 -34.59
C LYS A 362 9.64 0.74 -35.62
N ALA A 363 9.61 1.92 -36.26
CA ALA A 363 10.60 2.37 -37.29
C ALA A 363 12.01 2.40 -36.68
N ALA A 364 12.17 2.87 -35.44
CA ALA A 364 13.48 2.89 -34.76
C ALA A 364 13.86 1.49 -34.23
N GLY A 365 13.07 0.45 -34.50
CA GLY A 365 13.36 -0.94 -34.07
C GLY A 365 13.41 -1.07 -32.56
N LYS A 366 12.62 -0.28 -31.82
CA LYS A 366 12.56 -0.32 -30.33
C LYS A 366 11.26 -0.96 -29.85
N TYR A 367 10.44 -1.51 -30.76
CA TYR A 367 9.29 -2.39 -30.44
C TYR A 367 9.79 -3.84 -30.45
N ARG A 368 9.97 -4.45 -29.28
CA ARG A 368 10.74 -5.71 -29.10
C ARG A 368 9.82 -6.90 -28.80
N GLN A 369 10.16 -8.08 -29.32
CA GLN A 369 9.49 -9.37 -28.98
C GLN A 369 10.26 -10.00 -27.83
N GLU A 370 9.70 -10.01 -26.62
CA GLU A 370 10.39 -10.54 -25.42
C GLU A 370 9.79 -11.90 -25.08
N GLY A 371 10.61 -12.77 -24.47
CA GLY A 371 10.25 -14.17 -24.18
C GLY A 371 10.02 -14.44 -22.69
N LYS A 372 9.98 -15.72 -22.32
CA LYS A 372 9.64 -16.24 -20.97
C LYS A 372 10.63 -15.73 -19.92
N THR A 373 11.87 -15.39 -20.30
CA THR A 373 12.94 -15.02 -19.33
C THR A 373 13.04 -13.50 -19.20
N TYR A 374 12.31 -12.72 -19.99
CA TYR A 374 12.36 -11.24 -19.89
C TYR A 374 11.85 -10.82 -18.51
N VAL A 375 12.58 -9.92 -17.85
CA VAL A 375 12.22 -9.35 -16.53
C VAL A 375 11.55 -8.00 -16.78
N VAL A 376 10.29 -7.87 -16.41
CA VAL A 376 9.49 -6.67 -16.75
C VAL A 376 10.12 -5.49 -16.02
N GLN A 377 10.21 -4.35 -16.70
CA GLN A 377 10.78 -3.09 -16.17
C GLN A 377 9.63 -2.11 -15.91
N ASP A 378 9.79 -1.31 -14.86
CA ASP A 378 8.85 -0.21 -14.51
C ASP A 378 8.65 0.64 -15.76
N GLY A 379 7.39 0.92 -16.10
CA GLY A 379 7.02 1.79 -17.22
C GLY A 379 6.88 1.03 -18.53
N ASP A 380 7.11 -0.29 -18.57
CA ASP A 380 7.01 -1.06 -19.84
C ASP A 380 5.56 -0.94 -20.35
N ILE A 381 5.40 -0.77 -21.67
CA ILE A 381 4.10 -0.84 -22.40
C ILE A 381 4.10 -2.19 -23.11
N ILE A 382 3.23 -3.11 -22.70
CA ILE A 382 3.31 -4.54 -23.11
C ILE A 382 2.03 -4.94 -23.85
N PHE A 383 2.22 -5.57 -25.01
CA PHE A 383 1.16 -6.25 -25.80
C PHE A 383 1.45 -7.75 -25.74
N PHE A 384 0.72 -8.47 -24.89
CA PHE A 384 0.90 -9.92 -24.63
C PHE A 384 0.26 -10.75 -25.74
N LYS A 385 0.95 -11.81 -26.17
CA LYS A 385 0.47 -12.80 -27.16
C LYS A 385 0.34 -14.15 -26.45
N PHE A 386 -0.80 -14.84 -26.59
CA PHE A 386 -1.02 -16.16 -25.96
C PHE A 386 -1.79 -17.10 -26.89
N ASN A 387 -1.67 -18.40 -26.58
CA ASN A 387 -2.34 -19.53 -27.27
C ASN A 387 -3.68 -19.80 -26.58
N VAL A 388 -4.78 -19.68 -27.30
CA VAL A 388 -6.17 -19.81 -26.75
C VAL A 388 -6.33 -21.15 -26.02
N SER A 389 -5.58 -22.19 -26.39
CA SER A 389 -5.59 -23.53 -25.73
C SER A 389 -4.16 -24.01 -25.47
#